data_7BHV
#
_entry.id   7BHV
#
_cell.length_a   68.176
_cell.length_b   93.853
_cell.length_c   117.069
_cell.angle_alpha   90.000
_cell.angle_beta   90.000
_cell.angle_gamma   90.000
#
_symmetry.space_group_name_H-M   'I 2 2 2'
#
loop_
_entity.id
_entity.type
_entity.pdbx_description
1 polymer 'S-adenosylmethionine synthase isoform type-2'
2 non-polymer 7-chloranyl-4-(dimethylamino)-1-phenyl-quinazolin-2-one
3 non-polymer S-ADENOSYLMETHIONINE
4 water water
#
_entity_poly.entity_id   1
_entity_poly.type   'polypeptide(L)'
_entity_poly.pdbx_seq_one_letter_code
;QSMNGQLNGFHEAFIEEGTFLFTSESVGEGHPDKICDQISDAVLDAHLQQDPDAKVACETVAKTGMILLAGEITSRAAVD
YQKVVREAVKHIGYDDSSKGFDYKTCNVLVALEQQSPDIAQGVHLDRNEEDIGAGDQGLMFGYATDETEECMPLTIVLAH
KLNAKLAELRRNGTLPWLRPDSKTQVTVQYMQDRGAVLPIRVHTIVISVQHDEEVCLDEMRDALKEKVIKAVVPAKYLDE
DTIYHLQPSGRFVIGGPQGDAGLTGRKIIVDTYGGWGAHGGGAFSGKDYTKVDRSAAYAARWVAKSLVKGGLCRRVLVQV
SYAIGVSHPLSISIFHYGTSQKSERELLEIVKKNFDLRPGVIVRDLDLKKPIYQRTAAYGHFGRDSFPWEVPKKLKY
;
_entity_poly.pdbx_strand_id   A
#
# COMPACT_ATOMS: atom_id res chain seq x y z
N GLY A 18 13.19 -28.20 4.65
CA GLY A 18 12.94 -26.82 5.03
C GLY A 18 12.30 -25.98 3.93
N THR A 19 12.12 -26.56 2.71
CA THR A 19 11.50 -25.81 1.61
C THR A 19 10.01 -25.59 1.89
N PHE A 20 9.51 -24.43 1.47
CA PHE A 20 8.08 -24.15 1.58
C PHE A 20 7.68 -23.15 0.51
N LEU A 21 6.38 -23.03 0.29
CA LEU A 21 5.84 -22.05 -0.63
C LEU A 21 5.24 -20.90 0.11
N PHE A 22 5.23 -19.71 -0.52
CA PHE A 22 4.46 -18.59 0.00
C PHE A 22 3.96 -17.78 -1.17
N THR A 23 2.74 -17.27 -1.06
CA THR A 23 2.12 -16.54 -2.17
C THR A 23 1.72 -15.15 -1.73
N SER A 24 1.94 -14.17 -2.61
CA SER A 24 1.43 -12.81 -2.45
C SER A 24 0.85 -12.31 -3.73
N GLU A 25 -0.06 -11.34 -3.65
CA GLU A 25 -0.63 -10.71 -4.85
C GLU A 25 -0.40 -9.20 -4.86
N SER A 26 -0.64 -8.63 -6.04
CA SER A 26 -0.67 -7.19 -6.18
C SER A 26 -1.72 -6.87 -7.23
N VAL A 27 -2.09 -5.60 -7.34
CA VAL A 27 -3.05 -5.16 -8.34
C VAL A 27 -2.56 -3.91 -9.04
N GLY A 28 -3.10 -3.63 -10.22
CA GLY A 28 -2.69 -2.43 -10.96
C GLY A 28 -3.45 -1.20 -10.55
N GLU A 29 -3.02 -0.10 -11.16
CA GLU A 29 -3.58 1.22 -10.88
C GLU A 29 -5.06 1.32 -11.23
N GLY A 30 -5.53 0.53 -12.19
CA GLY A 30 -6.92 0.56 -12.59
C GLY A 30 -7.77 -0.50 -11.95
N HIS A 31 -7.21 -1.30 -11.03
CA HIS A 31 -8.04 -2.22 -10.26
C HIS A 31 -9.03 -1.32 -9.49
N PRO A 32 -10.33 -1.65 -9.43
CA PRO A 32 -11.30 -0.69 -8.88
C PRO A 32 -11.07 -0.31 -7.43
N ASP A 33 -10.58 -1.24 -6.59
CA ASP A 33 -10.24 -0.87 -5.21
C ASP A 33 -9.09 0.11 -5.20
N LYS A 34 -8.08 -0.15 -6.03
CA LYS A 34 -6.94 0.74 -6.10
C LYS A 34 -7.29 2.11 -6.67
N ILE A 35 -8.25 2.16 -7.61
CA ILE A 35 -8.71 3.47 -8.08
C ILE A 35 -9.20 4.28 -6.88
N CYS A 36 -9.99 3.64 -6.03
CA CYS A 36 -10.53 4.32 -4.85
C CYS A 36 -9.43 4.79 -3.91
N ASP A 37 -8.42 3.96 -3.65
CA ASP A 37 -7.31 4.39 -2.79
C ASP A 37 -6.62 5.62 -3.41
N GLN A 38 -6.35 5.61 -4.72
CA GLN A 38 -5.68 6.72 -5.35
C GLN A 38 -6.52 7.97 -5.32
N ILE A 39 -7.84 7.88 -5.54
CA ILE A 39 -8.68 9.06 -5.47
C ILE A 39 -8.72 9.59 -4.04
N SER A 40 -8.90 8.70 -3.07
CA SER A 40 -8.89 9.15 -1.68
C SER A 40 -7.63 9.93 -1.34
N ASP A 41 -6.48 9.44 -1.81
CA ASP A 41 -5.22 10.13 -1.53
C ASP A 41 -5.01 11.37 -2.40
N ALA A 42 -5.59 11.41 -3.60
CA ALA A 42 -5.56 12.65 -4.39
C ALA A 42 -6.35 13.74 -3.63
N VAL A 43 -7.46 13.38 -3.01
CA VAL A 43 -8.26 14.31 -2.23
C VAL A 43 -7.46 14.78 -1.00
N LEU A 44 -6.83 13.83 -0.29
CA LEU A 44 -6.00 14.17 0.86
C LEU A 44 -4.89 15.16 0.43
N ASP A 45 -4.16 14.81 -0.64
CA ASP A 45 -3.08 15.70 -1.10
C ASP A 45 -3.60 17.08 -1.47
N ALA A 46 -4.76 17.14 -2.14
CA ALA A 46 -5.31 18.45 -2.54
C ALA A 46 -5.57 19.30 -1.31
N HIS A 47 -6.11 18.70 -0.26
CA HIS A 47 -6.30 19.45 0.97
C HIS A 47 -4.99 19.88 1.61
N LEU A 48 -4.04 18.96 1.72
CA LEU A 48 -2.75 19.27 2.37
C LEU A 48 -1.95 20.31 1.63
N GLN A 49 -2.12 20.42 0.31
CA GLN A 49 -1.42 21.46 -0.45
C GLN A 49 -1.82 22.85 0.04
N GLN A 50 -3.05 23.03 0.51
CA GLN A 50 -3.52 24.32 1.00
C GLN A 50 -3.56 24.44 2.52
N ASP A 51 -3.82 23.34 3.22
CA ASP A 51 -3.98 23.33 4.67
C ASP A 51 -3.22 22.12 5.20
N PRO A 52 -1.98 22.33 5.67
CA PRO A 52 -1.19 21.19 6.17
C PRO A 52 -1.84 20.48 7.34
N ASP A 53 -2.77 21.15 8.04
CA ASP A 53 -3.47 20.59 9.19
C ASP A 53 -4.86 20.10 8.89
N ALA A 54 -5.17 19.90 7.61
CA ALA A 54 -6.49 19.37 7.25
C ALA A 54 -6.75 18.04 7.95
N LYS A 55 -8.00 17.84 8.43
CA LYS A 55 -8.47 16.59 9.01
C LYS A 55 -9.27 15.91 7.93
N VAL A 56 -8.77 14.78 7.41
CA VAL A 56 -9.32 14.12 6.24
C VAL A 56 -9.58 12.68 6.52
N ALA A 57 -10.79 12.23 6.14
CA ALA A 57 -11.21 10.83 6.28
C ALA A 57 -12.12 10.57 5.07
N CYS A 58 -11.50 10.48 3.89
CA CYS A 58 -12.20 10.42 2.62
C CYS A 58 -12.26 9.01 2.08
N GLU A 59 -13.44 8.37 2.10
CA GLU A 59 -13.63 7.08 1.47
C GLU A 59 -14.12 7.31 0.04
N THR A 60 -13.73 6.45 -0.87
CA THR A 60 -14.16 6.47 -2.26
C THR A 60 -14.79 5.14 -2.60
N VAL A 61 -15.89 5.19 -3.37
CA VAL A 61 -16.57 4.01 -3.90
C VAL A 61 -16.65 4.17 -5.39
N ALA A 62 -16.37 3.11 -6.11
CA ALA A 62 -16.43 3.13 -7.56
C ALA A 62 -17.29 2.00 -8.09
N LYS A 63 -18.20 2.32 -8.99
CA LYS A 63 -18.98 1.29 -9.71
C LYS A 63 -19.21 1.87 -11.09
N THR A 64 -19.81 1.13 -12.01
CA THR A 64 -20.02 1.60 -13.38
C THR A 64 -20.43 3.05 -13.40
N GLY A 65 -19.64 3.89 -14.06
CA GLY A 65 -19.93 5.30 -14.27
C GLY A 65 -19.95 6.17 -13.04
N MET A 66 -19.52 5.69 -11.87
CA MET A 66 -19.65 6.44 -10.64
C MET A 66 -18.41 6.41 -9.77
N ILE A 67 -18.02 7.62 -9.32
CA ILE A 67 -17.12 7.79 -8.20
C ILE A 67 -17.94 8.51 -7.13
N LEU A 68 -18.07 7.91 -5.93
CA LEU A 68 -18.70 8.58 -4.82
C LEU A 68 -17.65 8.82 -3.73
N LEU A 69 -17.59 10.04 -3.22
CA LEU A 69 -16.77 10.38 -2.06
C LEU A 69 -17.67 10.43 -0.84
N ALA A 70 -17.32 9.73 0.22
CA ALA A 70 -18.09 9.71 1.46
C ALA A 70 -17.15 9.81 2.63
N GLY A 71 -17.47 10.63 3.62
CA GLY A 71 -16.58 10.76 4.75
C GLY A 71 -16.62 12.13 5.33
N GLU A 72 -15.51 12.46 6.00
CA GLU A 72 -15.45 13.64 6.85
C GLU A 72 -14.17 14.40 6.61
N ILE A 73 -14.29 15.67 6.33
CA ILE A 73 -13.15 16.56 6.10
C ILE A 73 -13.41 17.88 6.78
N THR A 74 -12.47 18.33 7.62
CA THR A 74 -12.46 19.68 8.17
C THR A 74 -11.15 20.31 7.74
N SER A 75 -11.24 21.36 6.93
CA SER A 75 -10.07 21.91 6.30
C SER A 75 -10.35 23.34 5.87
N ARG A 76 -9.28 24.13 5.82
CA ARG A 76 -9.37 25.51 5.32
C ARG A 76 -9.16 25.54 3.80
N ALA A 77 -8.85 24.42 3.17
CA ALA A 77 -8.63 24.37 1.73
C ALA A 77 -9.93 24.56 0.96
N ALA A 78 -9.83 25.09 -0.25
CA ALA A 78 -10.95 25.13 -1.20
C ALA A 78 -10.60 24.13 -2.30
N VAL A 79 -11.23 22.95 -2.24
CA VAL A 79 -10.90 21.85 -3.15
C VAL A 79 -12.04 21.62 -4.14
N ASP A 80 -11.71 21.52 -5.41
CA ASP A 80 -12.68 21.25 -6.45
C ASP A 80 -12.69 19.72 -6.63
N TYR A 81 -13.63 19.05 -5.95
CA TYR A 81 -13.68 17.59 -6.00
C TYR A 81 -13.88 17.02 -7.37
N GLN A 82 -14.70 17.65 -8.20
CA GLN A 82 -14.91 17.20 -9.56
C GLN A 82 -13.57 17.13 -10.30
N LYS A 83 -12.77 18.21 -10.25
CA LYS A 83 -11.51 18.26 -10.94
C LYS A 83 -10.50 17.25 -10.37
N VAL A 84 -10.42 17.15 -9.04
CA VAL A 84 -9.42 16.27 -8.42
C VAL A 84 -9.70 14.82 -8.76
N VAL A 85 -10.99 14.42 -8.64
CA VAL A 85 -11.34 13.05 -8.98
C VAL A 85 -11.08 12.75 -10.43
N ARG A 86 -11.53 13.62 -11.32
CA ARG A 86 -11.39 13.34 -12.74
C ARG A 86 -9.95 13.30 -13.19
N GLU A 87 -9.12 14.17 -12.64
CA GLU A 87 -7.70 14.12 -12.98
C GLU A 87 -7.04 12.82 -12.51
N ALA A 88 -7.45 12.30 -11.34
CA ALA A 88 -6.87 11.04 -10.86
C ALA A 88 -7.25 9.89 -11.79
N VAL A 89 -8.52 9.87 -12.23
CA VAL A 89 -8.99 8.82 -13.14
C VAL A 89 -8.28 8.92 -14.47
N LYS A 90 -8.10 10.14 -14.96
CA LYS A 90 -7.35 10.35 -16.20
C LYS A 90 -5.94 9.78 -16.11
N HIS A 91 -5.25 10.04 -15.01
CA HIS A 91 -3.89 9.55 -14.81
C HIS A 91 -3.84 8.03 -14.86
N ILE A 92 -4.83 7.39 -14.25
CA ILE A 92 -4.93 5.93 -14.24
C ILE A 92 -5.07 5.37 -15.65
N GLY A 93 -5.77 6.11 -16.51
CA GLY A 93 -5.93 5.73 -17.91
C GLY A 93 -7.33 5.41 -18.34
N TYR A 94 -8.35 5.66 -17.47
CA TYR A 94 -9.73 5.42 -17.89
C TYR A 94 -10.27 6.66 -18.55
N ASP A 95 -10.14 6.72 -19.88
CA ASP A 95 -10.42 7.92 -20.66
C ASP A 95 -11.31 7.68 -21.85
N ASP A 96 -12.10 6.62 -21.86
CA ASP A 96 -12.97 6.36 -22.98
C ASP A 96 -13.97 5.30 -22.62
N SER A 97 -15.19 5.44 -23.13
CA SER A 97 -16.24 4.47 -22.81
C SER A 97 -15.88 3.09 -23.34
N SER A 98 -15.03 3.00 -24.37
CA SER A 98 -14.61 1.68 -24.85
C SER A 98 -13.84 0.87 -23.80
N LYS A 99 -13.17 1.58 -22.84
CA LYS A 99 -12.39 0.95 -21.78
C LYS A 99 -13.24 0.64 -20.56
N GLY A 100 -14.51 1.04 -20.58
CA GLY A 100 -15.44 0.74 -19.51
C GLY A 100 -15.62 1.88 -18.51
N PHE A 101 -14.83 2.95 -18.62
CA PHE A 101 -14.87 4.06 -17.66
C PHE A 101 -14.15 5.24 -18.29
N ASP A 102 -14.68 6.44 -18.08
CA ASP A 102 -14.12 7.64 -18.66
C ASP A 102 -14.18 8.78 -17.67
N TYR A 103 -12.99 9.34 -17.32
CA TYR A 103 -12.95 10.47 -16.39
C TYR A 103 -13.75 11.67 -16.92
N LYS A 104 -13.86 11.83 -18.22
CA LYS A 104 -14.52 13.03 -18.73
C LYS A 104 -16.02 12.99 -18.47
N THR A 105 -16.61 11.80 -18.44
CA THR A 105 -18.07 11.66 -18.49
C THR A 105 -18.67 10.88 -17.36
N CYS A 106 -17.86 10.39 -16.42
CA CYS A 106 -18.43 9.66 -15.29
C CYS A 106 -19.16 10.61 -14.33
N ASN A 107 -19.98 10.03 -13.46
CA ASN A 107 -20.64 10.73 -12.38
C ASN A 107 -19.68 10.83 -11.22
N VAL A 108 -19.57 12.01 -10.64
CA VAL A 108 -18.83 12.23 -9.40
C VAL A 108 -19.84 12.76 -8.39
N LEU A 109 -20.07 12.00 -7.33
CA LEU A 109 -21.04 12.29 -6.28
C LEU A 109 -20.28 12.56 -5.00
N VAL A 110 -20.70 13.56 -4.21
CA VAL A 110 -19.98 13.91 -3.00
C VAL A 110 -20.91 13.91 -1.79
N ALA A 111 -20.54 13.14 -0.76
CA ALA A 111 -21.26 13.03 0.51
C ALA A 111 -20.25 13.25 1.62
N LEU A 112 -19.68 14.45 1.67
CA LEU A 112 -18.63 14.80 2.62
C LEU A 112 -19.14 15.78 3.61
N GLU A 113 -18.95 15.52 4.88
CA GLU A 113 -19.34 16.41 5.95
C GLU A 113 -18.11 16.81 6.72
N GLN A 114 -18.26 17.67 7.69
CA GLN A 114 -17.14 18.02 8.56
C GLN A 114 -16.80 16.83 9.49
N GLN A 115 -15.59 16.82 10.04
CA GLN A 115 -15.26 15.87 11.08
C GLN A 115 -16.21 16.04 12.25
N SER A 116 -16.63 14.92 12.84
CA SER A 116 -17.43 14.96 14.04
C SER A 116 -16.78 15.88 15.08
N PRO A 117 -17.52 16.85 15.63
CA PRO A 117 -16.95 17.69 16.68
C PRO A 117 -16.60 16.87 17.93
N ASP A 118 -17.30 15.74 18.16
CA ASP A 118 -16.99 14.89 19.30
C ASP A 118 -15.61 14.25 19.14
N ILE A 119 -15.28 13.82 17.93
CA ILE A 119 -13.94 13.30 17.67
C ILE A 119 -12.92 14.43 17.81
N ALA A 120 -13.22 15.58 17.19
CA ALA A 120 -12.24 16.65 17.19
C ALA A 120 -11.89 17.07 18.61
N GLN A 121 -12.89 17.25 19.48
CA GLN A 121 -12.61 17.68 20.84
C GLN A 121 -11.82 16.65 21.63
N GLY A 122 -12.02 15.37 21.32
CA GLY A 122 -11.31 14.33 22.05
C GLY A 122 -9.92 14.02 21.53
N VAL A 123 -9.62 14.41 20.30
CA VAL A 123 -8.36 14.08 19.68
C VAL A 123 -7.37 15.21 19.62
N HIS A 124 -7.81 16.37 19.10
CA HIS A 124 -6.84 17.40 18.77
C HIS A 124 -7.19 18.80 19.17
N LEU A 125 -8.43 19.12 19.46
CA LEU A 125 -8.73 20.51 19.78
C LEU A 125 -8.04 20.92 21.07
N ASP A 126 -7.40 22.09 21.03
CA ASP A 126 -6.69 22.63 22.21
C ASP A 126 -5.62 21.69 22.76
N ARG A 127 -4.94 20.96 21.86
CA ARG A 127 -3.84 20.10 22.26
C ARG A 127 -2.58 20.54 21.62
N ASN A 128 -1.50 20.50 22.38
CA ASN A 128 -0.18 20.74 21.82
C ASN A 128 0.06 19.67 20.74
N GLU A 129 0.63 20.03 19.59
CA GLU A 129 0.77 19.05 18.52
C GLU A 129 1.49 17.79 18.97
N GLU A 130 2.62 17.91 19.67
CA GLU A 130 3.33 16.70 20.07
C GLU A 130 2.48 15.79 20.93
N ASP A 131 1.50 16.38 21.64
CA ASP A 131 0.63 15.70 22.59
C ASP A 131 -0.76 15.45 22.05
N ILE A 132 -0.93 15.51 20.71
CA ILE A 132 -2.22 15.24 20.13
C ILE A 132 -2.60 13.78 20.43
N GLY A 133 -3.87 13.50 20.62
CA GLY A 133 -4.26 12.13 20.84
C GLY A 133 -4.27 11.34 19.55
N ALA A 134 -4.18 10.02 19.66
CA ALA A 134 -4.43 9.18 18.51
C ALA A 134 -5.84 9.47 17.99
N GLY A 135 -6.00 9.45 16.66
CA GLY A 135 -7.30 9.75 16.07
C GLY A 135 -8.33 8.65 16.18
N ASP A 136 -7.91 7.48 16.65
CA ASP A 136 -8.76 6.33 16.87
C ASP A 136 -8.00 5.37 17.74
N GLN A 137 -8.70 4.37 18.29
CA GLN A 137 -7.99 3.22 18.83
C GLN A 137 -7.50 2.38 17.63
N GLY A 138 -6.72 1.34 17.91
CA GLY A 138 -6.38 0.34 16.92
C GLY A 138 -5.02 -0.24 17.14
N LEU A 139 -4.70 -1.22 16.31
CA LEU A 139 -3.41 -1.90 16.33
C LEU A 139 -2.81 -1.82 14.95
N MET A 140 -1.48 -1.81 14.89
CA MET A 140 -0.74 -1.65 13.63
C MET A 140 0.51 -2.47 13.71
N PHE A 141 1.00 -2.93 12.55
CA PHE A 141 2.24 -3.68 12.51
C PHE A 141 3.19 -3.14 11.48
N GLY A 142 4.47 -3.30 11.75
CA GLY A 142 5.53 -3.03 10.80
C GLY A 142 6.36 -4.29 10.61
N TYR A 143 6.89 -4.50 9.41
CA TYR A 143 7.65 -5.72 9.12
C TYR A 143 8.80 -5.36 8.21
N ALA A 144 9.88 -6.12 8.32
CA ALA A 144 11.01 -5.98 7.41
C ALA A 144 11.70 -7.32 7.34
N THR A 145 12.26 -7.61 6.17
CA THR A 145 12.96 -8.88 5.90
C THR A 145 14.16 -8.58 5.02
N ASP A 146 15.31 -9.16 5.35
CA ASP A 146 16.54 -8.94 4.60
C ASP A 146 16.60 -9.72 3.31
N GLU A 147 15.52 -10.38 2.88
CA GLU A 147 15.56 -11.19 1.66
C GLU A 147 15.70 -10.35 0.40
N THR A 148 15.40 -9.05 0.45
CA THR A 148 15.63 -8.14 -0.65
C THR A 148 16.30 -6.89 -0.05
N GLU A 149 17.04 -6.11 -0.87
CA GLU A 149 17.70 -4.89 -0.37
C GLU A 149 16.70 -3.92 0.24
N GLU A 150 15.54 -3.81 -0.40
CA GLU A 150 14.47 -2.91 0.09
C GLU A 150 13.73 -3.47 1.30
N CYS A 151 14.14 -4.61 1.81
CA CYS A 151 13.62 -5.17 3.04
C CYS A 151 12.16 -5.57 2.98
N MET A 152 11.75 -6.04 1.81
CA MET A 152 10.40 -6.50 1.57
C MET A 152 10.38 -7.96 1.10
N PRO A 153 9.25 -8.65 1.27
CA PRO A 153 9.15 -10.02 0.73
C PRO A 153 9.27 -10.05 -0.79
N LEU A 154 10.06 -10.99 -1.32
CA LEU A 154 10.21 -11.09 -2.76
C LEU A 154 8.86 -11.37 -3.45
N THR A 155 7.98 -12.15 -2.82
CA THR A 155 6.69 -12.47 -3.44
C THR A 155 5.95 -11.20 -3.83
N ILE A 156 5.83 -10.26 -2.90
CA ILE A 156 5.06 -9.05 -3.18
C ILE A 156 5.84 -8.07 -4.03
N VAL A 157 7.16 -7.98 -3.89
CA VAL A 157 7.94 -7.11 -4.77
C VAL A 157 7.73 -7.52 -6.22
N LEU A 158 7.87 -8.82 -6.52
CA LEU A 158 7.69 -9.27 -7.88
C LEU A 158 6.24 -9.02 -8.36
N ALA A 159 5.24 -9.30 -7.49
CA ALA A 159 3.85 -9.09 -7.89
C ALA A 159 3.62 -7.60 -8.26
N HIS A 160 4.14 -6.67 -7.44
CA HIS A 160 4.00 -5.24 -7.77
C HIS A 160 4.69 -4.92 -9.08
N LYS A 161 5.93 -5.40 -9.26
CA LYS A 161 6.65 -5.05 -10.47
C LYS A 161 5.95 -5.57 -11.72
N LEU A 162 5.28 -6.71 -11.63
CA LEU A 162 4.53 -7.22 -12.80
C LEU A 162 3.40 -6.24 -13.16
N ASN A 163 2.65 -5.72 -12.16
CA ASN A 163 1.61 -4.72 -12.46
C ASN A 163 2.22 -3.45 -13.02
N ALA A 164 3.37 -2.99 -12.48
CA ALA A 164 4.00 -1.79 -12.99
C ALA A 164 4.43 -1.96 -14.44
N LYS A 165 4.93 -3.14 -14.77
CA LYS A 165 5.35 -3.44 -16.15
C LYS A 165 4.17 -3.40 -17.10
N LEU A 166 3.03 -3.95 -16.69
CA LEU A 166 1.83 -3.86 -17.52
C LEU A 166 1.49 -2.40 -17.79
N ALA A 167 1.49 -1.57 -16.73
CA ALA A 167 1.13 -0.16 -16.94
C ALA A 167 2.15 0.54 -17.84
N GLU A 168 3.45 0.16 -17.73
CA GLU A 168 4.47 0.77 -18.55
C GLU A 168 4.24 0.45 -20.03
N LEU A 169 3.93 -0.82 -20.35
CA LEU A 169 3.75 -1.27 -21.73
C LEU A 169 2.45 -0.79 -22.29
N ARG A 170 1.47 -0.53 -21.42
CA ARG A 170 0.22 0.09 -21.84
C ARG A 170 0.51 1.54 -22.24
N ARG A 171 1.16 2.28 -21.34
CA ARG A 171 1.39 3.69 -21.55
C ARG A 171 2.36 3.98 -22.69
N ASN A 172 3.33 3.09 -22.97
CA ASN A 172 4.25 3.37 -24.05
C ASN A 172 3.76 2.83 -25.40
N GLY A 173 2.58 2.23 -25.41
CA GLY A 173 1.96 1.75 -26.64
C GLY A 173 2.50 0.46 -27.19
N THR A 174 3.41 -0.22 -26.45
CA THR A 174 4.01 -1.54 -26.79
C THR A 174 2.87 -2.58 -26.94
N LEU A 175 1.96 -2.59 -25.95
CA LEU A 175 0.82 -3.53 -25.91
C LEU A 175 -0.44 -2.72 -25.80
N PRO A 176 -0.93 -2.19 -26.94
CA PRO A 176 -2.02 -1.21 -26.89
C PRO A 176 -3.37 -1.81 -26.57
N TRP A 177 -3.46 -3.14 -26.55
CA TRP A 177 -4.67 -3.85 -26.15
C TRP A 177 -4.83 -3.89 -24.63
N LEU A 178 -3.82 -3.51 -23.85
CA LEU A 178 -3.95 -3.51 -22.39
C LEU A 178 -4.84 -2.41 -21.90
N ARG A 179 -5.55 -2.69 -20.83
CA ARG A 179 -6.38 -1.73 -20.12
CA ARG A 179 -6.37 -1.72 -20.15
C ARG A 179 -5.85 -1.60 -18.70
N PRO A 180 -6.32 -0.60 -17.92
CA PRO A 180 -5.68 -0.35 -16.62
C PRO A 180 -5.91 -1.36 -15.49
N ASP A 181 -6.96 -2.15 -15.53
CA ASP A 181 -7.29 -3.06 -14.46
C ASP A 181 -6.47 -4.35 -14.57
N SER A 182 -5.69 -4.68 -13.56
CA SER A 182 -4.86 -5.89 -13.59
C SER A 182 -4.69 -6.42 -12.19
N LYS A 183 -4.38 -7.73 -12.12
CA LYS A 183 -4.01 -8.42 -10.90
C LYS A 183 -2.88 -9.37 -11.22
N THR A 184 -1.99 -9.57 -10.25
CA THR A 184 -0.89 -10.51 -10.40
C THR A 184 -0.74 -11.28 -9.10
N GLN A 185 -0.09 -12.45 -9.17
CA GLN A 185 0.10 -13.24 -7.96
C GLN A 185 1.32 -14.09 -8.16
N VAL A 186 2.20 -14.10 -7.15
CA VAL A 186 3.46 -14.81 -7.27
C VAL A 186 3.64 -15.74 -6.09
N THR A 187 3.92 -17.00 -6.39
CA THR A 187 4.24 -18.01 -5.39
C THR A 187 5.73 -18.29 -5.50
N VAL A 188 6.48 -18.07 -4.44
CA VAL A 188 7.90 -18.35 -4.38
C VAL A 188 8.12 -19.56 -3.51
N GLN A 189 9.08 -20.39 -3.92
CA GLN A 189 9.58 -21.49 -3.15
C GLN A 189 10.82 -20.97 -2.41
N TYR A 190 10.78 -21.09 -1.09
CA TYR A 190 11.82 -20.59 -0.21
C TYR A 190 12.48 -21.73 0.53
N MET A 191 13.69 -21.45 1.02
CA MET A 191 14.35 -22.23 2.05
C MET A 191 14.41 -21.31 3.26
N GLN A 192 14.80 -21.85 4.39
CA GLN A 192 14.87 -21.04 5.60
C GLN A 192 16.11 -21.38 6.34
N ASP A 193 16.62 -20.41 7.12
CA ASP A 193 17.78 -20.61 7.97
C ASP A 193 17.57 -19.82 9.25
N ARG A 194 17.25 -20.56 10.32
CA ARG A 194 17.05 -20.01 11.66
C ARG A 194 16.10 -18.83 11.62
N GLY A 195 15.00 -19.01 10.91
CA GLY A 195 13.98 -17.98 10.83
C GLY A 195 14.11 -17.01 9.69
N ALA A 196 15.29 -16.84 9.08
CA ALA A 196 15.39 -16.00 7.88
C ALA A 196 14.91 -16.80 6.68
N VAL A 197 14.46 -16.10 5.63
CA VAL A 197 13.95 -16.80 4.44
C VAL A 197 14.79 -16.50 3.24
N LEU A 198 14.98 -17.52 2.40
CA LEU A 198 15.88 -17.46 1.27
C LEU A 198 15.12 -17.87 0.02
N PRO A 199 14.85 -16.97 -0.90
CA PRO A 199 14.12 -17.38 -2.12
C PRO A 199 14.94 -18.33 -2.97
N ILE A 200 14.32 -19.38 -3.47
CA ILE A 200 14.95 -20.36 -4.35
C ILE A 200 14.47 -20.19 -5.80
N ARG A 201 13.16 -20.21 -6.03
CA ARG A 201 12.62 -20.15 -7.39
C ARG A 201 11.19 -19.66 -7.32
N VAL A 202 10.67 -19.27 -8.46
CA VAL A 202 9.28 -18.91 -8.64
C VAL A 202 8.51 -20.16 -9.02
N HIS A 203 7.54 -20.53 -8.21
CA HIS A 203 6.78 -21.75 -8.41
C HIS A 203 5.60 -21.52 -9.35
N THR A 204 4.84 -20.43 -9.13
CA THR A 204 3.64 -20.13 -9.91
C THR A 204 3.49 -18.64 -10.08
N ILE A 205 3.07 -18.20 -11.26
CA ILE A 205 2.71 -16.80 -11.51
C ILE A 205 1.31 -16.76 -12.10
N VAL A 206 0.48 -15.86 -11.59
CA VAL A 206 -0.82 -15.55 -12.18
C VAL A 206 -0.75 -14.10 -12.70
N ILE A 207 -1.26 -13.86 -13.90
CA ILE A 207 -1.52 -12.50 -14.37
C ILE A 207 -2.88 -12.47 -15.01
N SER A 208 -3.74 -11.56 -14.59
CA SER A 208 -5.02 -11.27 -15.24
C SER A 208 -5.07 -9.80 -15.55
N VAL A 209 -5.32 -9.43 -16.81
CA VAL A 209 -5.37 -8.00 -17.15
C VAL A 209 -6.48 -7.74 -18.15
N GLN A 210 -7.19 -6.65 -17.92
CA GLN A 210 -8.25 -6.21 -18.80
C GLN A 210 -7.68 -5.89 -20.18
N HIS A 211 -8.44 -6.23 -21.23
CA HIS A 211 -7.95 -6.10 -22.58
C HIS A 211 -9.04 -5.72 -23.55
N ASP A 212 -8.63 -5.29 -24.75
CA ASP A 212 -9.59 -4.92 -25.77
C ASP A 212 -10.23 -6.13 -26.43
N GLU A 213 -11.24 -5.86 -27.26
CA GLU A 213 -12.05 -6.88 -27.97
C GLU A 213 -11.36 -7.56 -29.11
N GLU A 214 -10.28 -7.00 -29.57
CA GLU A 214 -9.62 -7.52 -30.77
C GLU A 214 -8.52 -8.54 -30.54
N VAL A 215 -7.72 -8.39 -29.48
CA VAL A 215 -6.57 -9.25 -29.27
C VAL A 215 -7.00 -10.69 -28.92
N CYS A 216 -6.28 -11.66 -29.46
CA CYS A 216 -6.64 -13.01 -29.10
C CYS A 216 -5.89 -13.50 -27.86
N LEU A 217 -6.41 -14.54 -27.27
CA LEU A 217 -5.88 -15.12 -26.07
C LEU A 217 -4.43 -15.57 -26.23
N ASP A 218 -4.07 -16.25 -27.31
CA ASP A 218 -2.68 -16.71 -27.47
C ASP A 218 -1.70 -15.56 -27.60
N GLU A 219 -2.12 -14.49 -28.27
CA GLU A 219 -1.25 -13.31 -28.38
C GLU A 219 -1.05 -12.72 -27.01
N MET A 220 -2.10 -12.63 -26.20
CA MET A 220 -1.93 -12.07 -24.86
C MET A 220 -1.03 -12.96 -24.02
N ARG A 221 -1.24 -14.29 -24.03
CA ARG A 221 -0.44 -15.16 -23.19
C ARG A 221 1.02 -15.12 -23.56
N ASP A 222 1.31 -15.09 -24.86
CA ASP A 222 2.68 -15.01 -25.29
C ASP A 222 3.32 -13.68 -24.83
N ALA A 223 2.62 -12.56 -25.03
CA ALA A 223 3.16 -11.27 -24.60
C ALA A 223 3.35 -11.21 -23.09
N LEU A 224 2.41 -11.75 -22.32
CA LEU A 224 2.54 -11.72 -20.86
C LEU A 224 3.76 -12.51 -20.42
N LYS A 225 4.06 -13.64 -21.07
CA LYS A 225 5.26 -14.37 -20.68
C LYS A 225 6.53 -13.64 -21.15
N GLU A 226 6.61 -13.26 -22.41
CA GLU A 226 7.83 -12.76 -22.98
C GLU A 226 8.13 -11.31 -22.67
N LYS A 227 7.13 -10.45 -22.67
CA LYS A 227 7.35 -9.02 -22.48
C LYS A 227 7.08 -8.54 -21.09
N VAL A 228 6.34 -9.30 -20.29
CA VAL A 228 6.04 -8.90 -18.93
C VAL A 228 6.85 -9.73 -17.95
N ILE A 229 6.57 -11.04 -17.84
CA ILE A 229 7.30 -11.84 -16.85
C ILE A 229 8.80 -11.84 -17.10
N LYS A 230 9.25 -12.10 -18.32
CA LYS A 230 10.68 -12.16 -18.54
C LYS A 230 11.35 -10.83 -18.34
N ALA A 231 10.63 -9.72 -18.49
CA ALA A 231 11.18 -8.39 -18.29
C ALA A 231 11.24 -8.01 -16.81
N VAL A 232 10.64 -8.81 -15.91
CA VAL A 232 10.57 -8.52 -14.50
C VAL A 232 11.27 -9.56 -13.63
N VAL A 233 11.00 -10.83 -13.85
CA VAL A 233 11.47 -11.88 -12.95
C VAL A 233 12.79 -12.42 -13.46
N PRO A 234 13.86 -12.38 -12.64
CA PRO A 234 15.14 -12.95 -13.06
C PRO A 234 14.98 -14.39 -13.56
N ALA A 235 15.67 -14.69 -14.67
CA ALA A 235 15.62 -16.02 -15.27
C ALA A 235 16.05 -17.10 -14.28
N LYS A 236 16.95 -16.78 -13.36
CA LYS A 236 17.41 -17.76 -12.38
C LYS A 236 16.27 -18.33 -11.53
N TYR A 237 15.14 -17.61 -11.43
CA TYR A 237 14.01 -18.10 -10.64
C TYR A 237 13.03 -18.88 -11.45
N LEU A 238 13.15 -18.89 -12.79
CA LEU A 238 12.15 -19.53 -13.65
C LEU A 238 12.75 -20.77 -14.25
N ASP A 239 12.00 -21.86 -14.28
CA ASP A 239 12.51 -23.10 -14.85
C ASP A 239 11.38 -23.85 -15.55
N GLU A 240 11.67 -25.07 -16.03
CA GLU A 240 10.68 -25.84 -16.77
C GLU A 240 9.46 -26.23 -15.96
N ASP A 241 9.57 -26.19 -14.62
CA ASP A 241 8.46 -26.54 -13.75
C ASP A 241 7.62 -25.36 -13.30
N THR A 242 8.07 -24.12 -13.55
CA THR A 242 7.29 -22.96 -13.14
C THR A 242 5.92 -23.02 -13.81
N ILE A 243 4.86 -22.75 -13.05
CA ILE A 243 3.50 -22.80 -13.54
C ILE A 243 3.03 -21.39 -13.85
N TYR A 244 2.46 -21.23 -15.04
CA TYR A 244 1.96 -19.94 -15.49
C TYR A 244 0.46 -19.98 -15.69
N HIS A 245 -0.26 -19.11 -15.02
CA HIS A 245 -1.69 -18.92 -15.18
C HIS A 245 -1.86 -17.51 -15.76
N LEU A 246 -1.90 -17.42 -17.10
CA LEU A 246 -1.92 -16.12 -17.79
C LEU A 246 -3.27 -15.98 -18.43
N GLN A 247 -3.99 -14.92 -18.09
CA GLN A 247 -5.38 -14.74 -18.50
C GLN A 247 -6.16 -16.05 -18.21
N PRO A 248 -6.10 -16.57 -16.97
CA PRO A 248 -6.73 -17.86 -16.68
C PRO A 248 -8.24 -17.84 -16.79
N SER A 249 -8.89 -16.66 -16.70
CA SER A 249 -10.36 -16.65 -16.88
C SER A 249 -10.73 -16.77 -18.35
N GLY A 250 -9.78 -16.56 -19.24
CA GLY A 250 -10.03 -16.68 -20.68
C GLY A 250 -10.51 -15.42 -21.36
N ARG A 251 -11.15 -14.50 -20.64
CA ARG A 251 -11.69 -13.27 -21.24
C ARG A 251 -11.88 -12.26 -20.15
N PHE A 252 -11.34 -11.05 -20.36
CA PHE A 252 -11.40 -9.97 -19.40
C PHE A 252 -11.52 -8.65 -20.16
N VAL A 253 -12.63 -8.49 -20.86
CA VAL A 253 -12.90 -7.27 -21.61
C VAL A 253 -13.58 -6.27 -20.70
N ILE A 254 -14.62 -6.71 -20.00
CA ILE A 254 -15.27 -5.90 -18.98
C ILE A 254 -14.31 -5.80 -17.81
N GLY A 255 -14.04 -4.60 -17.34
CA GLY A 255 -13.14 -4.45 -16.21
C GLY A 255 -13.30 -3.12 -15.55
N GLY A 256 -12.37 -2.76 -14.68
CA GLY A 256 -12.52 -1.57 -13.87
C GLY A 256 -13.79 -1.65 -13.02
N PRO A 257 -14.32 -0.49 -12.61
CA PRO A 257 -15.53 -0.47 -11.75
C PRO A 257 -16.72 -1.15 -12.39
N GLN A 258 -16.78 -1.17 -13.73
CA GLN A 258 -17.88 -1.86 -14.39
C GLN A 258 -17.87 -3.38 -14.07
N GLY A 259 -16.69 -3.98 -14.01
CA GLY A 259 -16.61 -5.40 -13.69
C GLY A 259 -16.76 -5.75 -12.22
N ASP A 260 -16.44 -4.81 -11.33
CA ASP A 260 -16.37 -5.11 -9.91
C ASP A 260 -16.34 -3.81 -9.12
N ALA A 261 -17.27 -3.62 -8.20
CA ALA A 261 -17.29 -2.41 -7.39
C ALA A 261 -16.01 -2.31 -6.56
N GLY A 262 -15.44 -1.12 -6.50
CA GLY A 262 -14.25 -0.87 -5.69
C GLY A 262 -14.54 0.03 -4.51
N LEU A 263 -13.74 -0.10 -3.46
CA LEU A 263 -13.86 0.73 -2.26
C LEU A 263 -12.49 1.04 -1.76
N THR A 264 -12.32 2.19 -1.10
CA THR A 264 -11.04 2.49 -0.43
C THR A 264 -10.79 1.48 0.68
N GLY A 265 -9.53 1.09 0.82
CA GLY A 265 -9.14 0.27 1.96
C GLY A 265 -9.53 -1.18 1.86
N ARG A 266 -9.63 -1.69 0.64
CA ARG A 266 -9.94 -3.09 0.36
C ARG A 266 -8.75 -3.83 -0.24
N LYS A 267 -7.55 -3.21 -0.19
CA LYS A 267 -6.33 -3.85 -0.66
C LYS A 267 -5.24 -3.67 0.38
N ILE A 268 -5.58 -3.88 1.66
CA ILE A 268 -4.66 -3.51 2.73
C ILE A 268 -3.45 -4.42 2.80
N ILE A 269 -3.58 -5.64 2.30
CA ILE A 269 -2.46 -6.60 2.30
C ILE A 269 -1.54 -6.32 1.11
N VAL A 270 -2.12 -5.97 -0.05
CA VAL A 270 -1.35 -5.49 -1.19
C VAL A 270 -0.60 -4.20 -0.80
N ASP A 271 -1.19 -3.36 0.05
CA ASP A 271 -0.56 -2.11 0.45
C ASP A 271 0.63 -2.31 1.37
N THR A 272 0.73 -3.49 2.00
CA THR A 272 1.68 -3.76 3.06
C THR A 272 2.63 -4.89 2.69
N TYR A 273 2.43 -6.08 3.22
CA TYR A 273 3.44 -7.13 3.14
C TYR A 273 3.03 -8.40 2.43
N GLY A 274 1.91 -8.39 1.72
CA GLY A 274 1.58 -9.58 0.92
C GLY A 274 1.28 -10.83 1.68
N GLY A 275 0.83 -10.69 2.92
CA GLY A 275 0.50 -11.84 3.76
C GLY A 275 1.56 -12.14 4.79
N TRP A 276 2.80 -11.67 4.55
CA TRP A 276 3.88 -11.82 5.51
C TRP A 276 3.66 -10.82 6.64
N GLY A 277 4.39 -10.98 7.73
CA GLY A 277 4.22 -10.03 8.83
C GLY A 277 2.85 -10.16 9.43
N ALA A 278 2.15 -9.04 9.61
CA ALA A 278 0.80 -9.02 10.18
C ALA A 278 0.15 -7.72 9.83
N HIS A 279 -1.17 -7.63 10.10
CA HIS A 279 -1.92 -6.41 9.79
C HIS A 279 -2.92 -6.18 10.92
N GLY A 280 -3.09 -4.92 11.29
CA GLY A 280 -4.07 -4.53 12.30
C GLY A 280 -5.44 -4.20 11.78
N GLY A 281 -5.62 -4.13 10.45
CA GLY A 281 -6.92 -3.96 9.83
C GLY A 281 -7.21 -2.60 9.25
N GLY A 282 -6.48 -1.58 9.66
CA GLY A 282 -6.75 -0.22 9.22
C GLY A 282 -6.32 0.05 7.78
N ALA A 283 -7.07 0.81 7.06
CA ALA A 283 -6.74 1.28 5.71
C ALA A 283 -5.89 2.52 5.80
N PHE A 284 -5.04 2.75 4.80
CA PHE A 284 -4.21 3.94 4.77
C PHE A 284 -4.81 5.11 4.03
N SER A 285 -5.37 4.88 2.83
CA SER A 285 -5.67 5.99 1.95
C SER A 285 -6.82 6.84 2.41
N GLY A 286 -6.71 8.14 2.13
CA GLY A 286 -7.76 9.10 2.46
C GLY A 286 -7.70 9.65 3.87
N LYS A 287 -6.58 9.39 4.61
CA LYS A 287 -6.49 9.77 6.02
C LYS A 287 -5.26 10.61 6.28
N ASP A 288 -5.42 11.70 7.04
CA ASP A 288 -4.31 12.53 7.50
C ASP A 288 -3.57 11.82 8.65
N TYR A 289 -2.46 12.43 9.08
CA TYR A 289 -1.55 11.78 10.04
C TYR A 289 -2.17 11.48 11.38
N THR A 290 -3.22 12.20 11.78
CA THR A 290 -3.79 11.92 13.08
C THR A 290 -4.47 10.56 13.13
N LYS A 291 -4.78 9.97 11.96
CA LYS A 291 -5.34 8.63 11.92
C LYS A 291 -4.16 7.67 11.97
N VAL A 292 -3.92 7.12 13.17
CA VAL A 292 -2.82 6.22 13.41
C VAL A 292 -2.84 4.95 12.58
N ASP A 293 -3.98 4.58 12.00
CA ASP A 293 -4.00 3.46 11.05
C ASP A 293 -2.91 3.63 10.01
N ARG A 294 -2.69 4.86 9.57
CA ARG A 294 -1.65 5.14 8.60
C ARG A 294 -0.33 5.54 9.27
N SER A 295 -0.33 6.61 10.02
CA SER A 295 0.94 7.11 10.57
C SER A 295 1.68 6.09 11.44
N ALA A 296 0.97 5.36 12.28
CA ALA A 296 1.66 4.41 13.14
C ALA A 296 2.11 3.18 12.38
N ALA A 297 1.39 2.78 11.32
CA ALA A 297 1.88 1.69 10.47
C ALA A 297 3.13 2.12 9.72
N TYR A 298 3.19 3.39 9.28
CA TYR A 298 4.40 3.85 8.60
C TYR A 298 5.55 3.88 9.62
N ALA A 299 5.29 4.39 10.83
CA ALA A 299 6.35 4.42 11.84
C ALA A 299 6.80 2.99 12.23
N ALA A 300 5.84 2.04 12.30
CA ALA A 300 6.22 0.67 12.63
C ALA A 300 7.09 0.05 11.54
N ARG A 301 6.78 0.35 10.27
CA ARG A 301 7.64 -0.09 9.17
C ARG A 301 9.05 0.50 9.38
N TRP A 302 9.12 1.81 9.70
CA TRP A 302 10.38 2.51 9.92
C TRP A 302 11.17 1.83 11.02
N VAL A 303 10.51 1.45 12.11
CA VAL A 303 11.20 0.75 13.20
C VAL A 303 11.73 -0.59 12.71
N ALA A 304 10.85 -1.41 12.08
CA ALA A 304 11.26 -2.73 11.62
C ALA A 304 12.44 -2.65 10.66
N LYS A 305 12.36 -1.74 9.68
CA LYS A 305 13.43 -1.59 8.72
C LYS A 305 14.71 -1.10 9.39
N SER A 306 14.60 -0.25 10.41
CA SER A 306 15.78 0.21 11.17
C SER A 306 16.45 -0.93 11.92
N LEU A 307 15.65 -1.86 12.48
CA LEU A 307 16.21 -3.02 13.18
C LEU A 307 16.93 -3.94 12.22
N VAL A 308 16.39 -4.17 11.03
CA VAL A 308 17.03 -5.06 10.06
C VAL A 308 18.26 -4.41 9.44
N LYS A 309 18.14 -3.17 8.97
CA LYS A 309 19.28 -2.49 8.38
C LYS A 309 20.36 -2.18 9.41
N GLY A 310 19.99 -2.09 10.68
CA GLY A 310 20.93 -1.90 11.77
C GLY A 310 21.65 -3.17 12.19
N GLY A 311 21.32 -4.29 11.53
CA GLY A 311 21.95 -5.58 11.78
C GLY A 311 21.53 -6.32 13.03
N LEU A 312 20.42 -5.90 13.67
CA LEU A 312 19.95 -6.55 14.88
C LEU A 312 19.14 -7.79 14.59
N CYS A 313 18.63 -7.95 13.40
N CYS A 313 18.40 -7.81 13.46
CA CYS A 313 17.84 -9.12 13.06
CA CYS A 313 17.51 -8.92 13.01
C CYS A 313 17.69 -9.19 11.57
C CYS A 313 17.76 -9.17 11.56
N ARG A 314 17.42 -10.38 11.08
CA ARG A 314 17.27 -10.62 9.66
C ARG A 314 15.85 -10.33 9.23
N ARG A 315 14.89 -10.59 10.11
CA ARG A 315 13.51 -10.19 9.87
C ARG A 315 12.82 -9.94 11.18
N VAL A 316 11.82 -9.05 11.16
CA VAL A 316 11.21 -8.63 12.41
C VAL A 316 9.86 -8.07 12.15
N LEU A 317 8.98 -8.27 13.16
CA LEU A 317 7.62 -7.76 13.18
C LEU A 317 7.48 -6.92 14.44
N VAL A 318 6.81 -5.77 14.31
CA VAL A 318 6.54 -4.83 15.39
C VAL A 318 5.06 -4.59 15.47
N GLN A 319 4.46 -4.72 16.64
CA GLN A 319 3.09 -4.29 16.87
C GLN A 319 3.10 -3.04 17.74
N VAL A 320 2.16 -2.15 17.46
CA VAL A 320 1.87 -0.96 18.27
CA VAL A 320 1.89 -0.98 18.30
C VAL A 320 0.38 -0.85 18.40
N SER A 321 -0.13 -0.22 19.46
CA SER A 321 -1.57 0.00 19.58
C SER A 321 -1.84 1.31 20.28
N TYR A 322 -3.07 1.82 20.12
CA TYR A 322 -3.49 3.12 20.61
C TYR A 322 -4.90 3.11 21.14
N ALA A 323 -5.23 4.14 21.94
CA ALA A 323 -6.62 4.44 22.33
C ALA A 323 -6.94 5.82 21.74
N ILE A 324 -8.17 6.03 21.25
CA ILE A 324 -8.54 7.36 20.76
C ILE A 324 -8.33 8.41 21.88
N GLY A 325 -7.72 9.53 21.51
CA GLY A 325 -7.53 10.62 22.44
C GLY A 325 -6.28 10.52 23.29
N VAL A 326 -5.55 9.42 23.22
CA VAL A 326 -4.36 9.18 24.04
C VAL A 326 -3.15 9.22 23.15
N SER A 327 -2.13 9.97 23.53
CA SER A 327 -0.97 10.13 22.66
CA SER A 327 -0.93 10.16 22.70
C SER A 327 -0.02 8.93 22.64
N HIS A 328 0.43 8.48 23.82
CA HIS A 328 1.38 7.38 23.85
C HIS A 328 0.73 6.07 23.47
N PRO A 329 1.44 5.21 22.74
CA PRO A 329 0.90 3.88 22.45
C PRO A 329 0.58 3.12 23.74
N LEU A 330 -0.43 2.27 23.67
CA LEU A 330 -0.83 1.42 24.80
C LEU A 330 0.06 0.22 24.92
N SER A 331 0.63 -0.26 23.82
CA SER A 331 1.47 -1.45 23.81
C SER A 331 2.42 -1.36 22.62
N ILE A 332 3.57 -1.99 22.78
CA ILE A 332 4.55 -2.19 21.71
C ILE A 332 5.08 -3.60 21.89
N SER A 333 5.24 -4.35 20.78
CA SER A 333 5.68 -5.73 20.86
C SER A 333 6.56 -6.07 19.69
N ILE A 334 7.46 -7.05 19.87
CA ILE A 334 8.43 -7.42 18.84
C ILE A 334 8.47 -8.92 18.66
N PHE A 335 8.56 -9.38 17.42
CA PHE A 335 8.74 -10.81 17.10
C PHE A 335 9.89 -10.85 16.11
N HIS A 336 11.00 -11.53 16.47
CA HIS A 336 12.16 -11.55 15.59
C HIS A 336 12.34 -12.85 14.82
N TYR A 337 11.38 -13.77 14.92
CA TYR A 337 11.38 -15.01 14.14
C TYR A 337 12.59 -15.90 14.43
N GLY A 338 13.30 -15.62 15.52
CA GLY A 338 14.52 -16.37 15.83
C GLY A 338 15.77 -15.81 15.14
N THR A 339 15.68 -14.62 14.52
CA THR A 339 16.75 -14.08 13.69
C THR A 339 17.63 -13.04 14.36
N SER A 340 17.57 -12.96 15.68
CA SER A 340 18.45 -12.07 16.44
C SER A 340 19.08 -12.86 17.56
N GLN A 341 20.30 -12.49 17.96
CA GLN A 341 20.89 -13.07 19.16
C GLN A 341 20.23 -12.43 20.40
N LYS A 342 19.69 -11.19 20.24
CA LYS A 342 19.04 -10.48 21.34
C LYS A 342 17.65 -11.02 21.54
N SER A 343 17.20 -11.03 22.77
CA SER A 343 15.83 -11.46 23.02
C SER A 343 14.87 -10.38 22.50
N GLU A 344 13.60 -10.77 22.33
CA GLU A 344 12.58 -9.80 21.96
C GLU A 344 12.45 -8.73 23.04
N ARG A 345 12.63 -9.07 24.33
CA ARG A 345 12.60 -8.08 25.40
C ARG A 345 13.71 -7.03 25.18
N GLU A 346 14.93 -7.47 24.86
CA GLU A 346 16.05 -6.54 24.60
CA GLU A 346 16.01 -6.53 24.63
C GLU A 346 15.75 -5.67 23.38
N LEU A 347 15.23 -6.27 22.30
CA LEU A 347 14.92 -5.47 21.11
C LEU A 347 13.84 -4.44 21.43
N LEU A 348 12.85 -4.81 22.24
CA LEU A 348 11.79 -3.87 22.62
C LEU A 348 12.39 -2.69 23.40
N GLU A 349 13.33 -2.96 24.31
CA GLU A 349 14.00 -1.87 25.02
C GLU A 349 14.77 -0.95 24.08
N ILE A 350 15.43 -1.51 23.06
CA ILE A 350 16.12 -0.69 22.08
C ILE A 350 15.11 0.18 21.33
N VAL A 351 13.97 -0.41 20.94
CA VAL A 351 12.96 0.38 20.24
C VAL A 351 12.50 1.53 21.12
N LYS A 352 12.19 1.27 22.40
CA LYS A 352 11.69 2.30 23.30
C LYS A 352 12.73 3.38 23.56
N LYS A 353 14.00 3.05 23.49
CA LYS A 353 15.04 4.06 23.67
C LYS A 353 15.26 4.92 22.43
N ASN A 354 14.90 4.41 21.25
CA ASN A 354 15.18 5.09 20.01
C ASN A 354 14.00 5.72 19.29
N PHE A 355 12.77 5.36 19.65
CA PHE A 355 11.61 5.84 18.92
C PHE A 355 10.58 6.37 19.87
N ASP A 356 9.82 7.36 19.42
CA ASP A 356 8.69 7.91 20.15
C ASP A 356 7.52 7.87 19.18
N LEU A 357 6.61 6.93 19.45
CA LEU A 357 5.53 6.63 18.54
C LEU A 357 4.24 7.36 18.87
N ARG A 358 4.34 8.49 19.58
CA ARG A 358 3.19 9.38 19.66
C ARG A 358 2.91 9.93 18.26
N PRO A 359 1.65 10.05 17.83
CA PRO A 359 1.38 10.57 16.48
C PRO A 359 1.92 11.97 16.25
N GLY A 360 1.92 12.80 17.29
CA GLY A 360 2.44 14.16 17.20
C GLY A 360 3.95 14.23 17.12
N VAL A 361 4.65 13.12 17.31
CA VAL A 361 6.09 13.07 17.07
C VAL A 361 6.32 12.38 15.72
N ILE A 362 5.60 11.30 15.42
CA ILE A 362 5.72 10.64 14.11
C ILE A 362 5.54 11.67 12.99
N VAL A 363 4.58 12.58 13.11
CA VAL A 363 4.32 13.55 12.05
C VAL A 363 5.57 14.34 11.72
N ARG A 364 6.33 14.72 12.74
CA ARG A 364 7.55 15.47 12.56
C ARG A 364 8.65 14.60 11.99
N ASP A 365 8.85 13.40 12.55
CA ASP A 365 9.91 12.51 12.05
C ASP A 365 9.69 12.08 10.62
N LEU A 366 8.45 11.84 10.22
CA LEU A 366 8.18 11.31 8.91
C LEU A 366 7.58 12.35 7.96
N ASP A 367 7.50 13.60 8.38
CA ASP A 367 7.04 14.72 7.56
C ASP A 367 5.67 14.47 6.96
N LEU A 368 4.73 14.04 7.83
CA LEU A 368 3.45 13.51 7.34
C LEU A 368 2.40 14.54 6.96
N LYS A 369 2.73 15.82 6.99
CA LYS A 369 1.82 16.80 6.42
C LYS A 369 2.14 17.03 4.94
N LYS A 370 3.20 16.41 4.42
CA LYS A 370 3.57 16.64 3.01
C LYS A 370 2.61 15.91 2.08
N PRO A 371 2.18 16.57 0.99
CA PRO A 371 1.20 15.95 0.09
C PRO A 371 1.83 14.97 -0.90
N ILE A 372 2.34 13.85 -0.40
CA ILE A 372 2.93 12.81 -1.24
C ILE A 372 2.12 11.54 -1.20
N TYR A 373 0.89 11.62 -0.70
CA TYR A 373 0.14 10.40 -0.45
C TYR A 373 -0.37 9.70 -1.68
N GLN A 374 -0.76 10.44 -2.74
CA GLN A 374 -1.24 9.72 -3.92
C GLN A 374 -0.16 8.79 -4.47
N ARG A 375 1.11 9.19 -4.32
CA ARG A 375 2.24 8.34 -4.77
C ARG A 375 2.30 6.99 -4.04
N THR A 376 1.78 6.93 -2.80
CA THR A 376 1.82 5.69 -2.03
C THR A 376 0.71 4.72 -2.39
N ALA A 377 -0.34 5.19 -3.10
CA ALA A 377 -1.60 4.49 -3.22
C ALA A 377 -1.69 3.40 -4.29
N ALA A 378 -0.58 3.11 -4.99
CA ALA A 378 -0.48 1.94 -5.86
C ALA A 378 0.92 1.39 -5.70
N TYR A 379 1.09 0.08 -5.86
CA TYR A 379 2.38 -0.62 -5.85
C TYR A 379 2.97 -0.73 -4.46
N GLY A 380 2.14 -0.58 -3.42
CA GLY A 380 2.59 -0.77 -2.05
C GLY A 380 3.09 0.51 -1.42
N HIS A 381 2.90 0.65 -0.10
CA HIS A 381 3.35 1.86 0.61
C HIS A 381 4.80 1.77 1.05
N PHE A 382 5.35 0.55 1.01
CA PHE A 382 6.66 0.23 1.57
C PHE A 382 7.61 -0.30 0.52
N GLY A 383 8.89 -0.17 0.80
CA GLY A 383 9.94 -0.70 -0.05
C GLY A 383 10.21 0.04 -1.33
N ARG A 384 9.72 1.29 -1.44
CA ARG A 384 9.88 2.10 -2.65
C ARG A 384 10.23 3.53 -2.31
N ASP A 385 10.97 4.20 -3.22
CA ASP A 385 11.17 5.65 -3.30
C ASP A 385 11.81 6.42 -2.15
N SER A 386 12.37 5.73 -1.21
CA SER A 386 13.03 6.37 -0.08
C SER A 386 12.18 7.45 0.59
N PHE A 387 10.88 7.11 0.79
CA PHE A 387 9.97 7.91 1.63
C PHE A 387 10.60 7.96 3.01
N PRO A 388 10.21 8.88 3.92
CA PRO A 388 10.91 8.95 5.19
C PRO A 388 10.91 7.67 6.01
N TRP A 389 9.81 6.88 5.93
CA TRP A 389 9.69 5.64 6.70
C TRP A 389 10.59 4.53 6.14
N GLU A 390 11.21 4.77 4.98
CA GLU A 390 12.09 3.82 4.31
C GLU A 390 13.56 4.16 4.56
N VAL A 391 13.84 5.27 5.25
CA VAL A 391 15.20 5.70 5.53
C VAL A 391 15.47 5.25 6.95
N PRO A 392 16.30 4.22 7.18
CA PRO A 392 16.47 3.72 8.56
C PRO A 392 16.99 4.77 9.52
N LYS A 393 16.60 4.65 10.77
CA LYS A 393 17.14 5.46 11.83
C LYS A 393 18.37 4.74 12.38
N LYS A 394 19.47 5.48 12.61
CA LYS A 394 20.68 4.95 13.24
C LYS A 394 20.38 4.73 14.72
N LEU A 395 20.51 3.50 15.20
CA LEU A 395 20.12 3.16 16.56
C LEU A 395 21.25 3.27 17.55
N LYS A 396 20.91 3.74 18.76
CA LYS A 396 21.85 3.89 19.87
C LYS A 396 21.42 2.92 20.98
N TYR A 397 22.37 2.08 21.46
CA TYR A 397 22.17 1.08 22.51
C TYR A 397 23.52 0.55 23.01
#